data_6BZX
#
_entry.id   6BZX
#
_cell.length_a   70.562
_cell.length_b   41.108
_cell.length_c   81.409
_cell.angle_alpha   90.00
_cell.angle_beta   106.57
_cell.angle_gamma   90.00
#
_symmetry.space_group_name_H-M   'P 1 21 1'
#
loop_
_entity.id
_entity.type
_entity.pdbx_description
1 polymer alpha-Rep
2 polymer 'Octarellin V.1'
3 non-polymer 'SODIUM ION'
#
loop_
_entity_poly.entity_id
_entity_poly.type
_entity_poly.pdbx_seq_one_letter_code
_entity_poly.pdbx_strand_id
1 'polypeptide(L)'
;MRGSHHHHHHTDPEKVEMYIKNLQDDSTTVRFNAAYALGKIGDERAVEPLIKALKDEDWLVRFSAARALGEIGDERAVEP
LIKALKDEDSSVRFSAAYALGKIGDERAVEPLIKALKDEDPRVRRIAAGALGEIGDERAVEPLIKALKDEDPYVRMAAAY
ALGKIGDERAVEPLIKALKDEDGYVRRAAAYALGKIGDERAVEPLIKALKDEDENVRLAAAQALGKIGDERAVEPLIKAL
KDEDRYVRLTAARALGKIGGERVRAAMEKLAETGTGFARKVAVNYLETHKSLIS
;
A
2 'polypeptide(L)'
;MAFLIVKGPSEKDLNPAVQIANEQDPSAIAFLKQFARNHEKAERFFELLVREGVEAIIIARGVSEREIEQAAKLAREKGF
EALAFLAEYERRDRQFDDIIEYFERYGFKAVIVATGLDEKELKQAAQKIEEKGFKALAFSGRIDQENHNINDIFELLQRQ
GLRAIIAATGLSERELSWAQRAAQQYGLDIIFANGQFDEQDNRFKHFLEPIRRQGAA
;
B
#
# COMPACT_ATOMS: atom_id res chain seq x y z
N HIS A 10 28.01 7.00 -13.65
CA HIS A 10 28.00 5.82 -14.51
C HIS A 10 27.72 4.55 -13.70
N THR A 11 27.14 3.55 -14.36
CA THR A 11 26.86 2.26 -13.72
C THR A 11 28.11 1.38 -13.76
N ASP A 12 29.19 1.92 -13.19
CA ASP A 12 30.49 1.28 -13.26
C ASP A 12 30.44 -0.09 -12.59
N PRO A 13 31.05 -1.11 -13.18
CA PRO A 13 31.03 -2.45 -12.57
C PRO A 13 31.88 -2.55 -11.31
N GLU A 14 32.62 -1.50 -10.94
CA GLU A 14 33.42 -1.55 -9.72
C GLU A 14 32.53 -1.68 -8.49
N LYS A 15 31.45 -0.88 -8.43
CA LYS A 15 30.52 -1.01 -7.33
C LYS A 15 29.64 -2.25 -7.49
N VAL A 16 29.32 -2.62 -8.73
CA VAL A 16 28.47 -3.77 -9.03
C VAL A 16 29.06 -5.02 -8.42
N GLU A 17 30.23 -5.44 -8.93
CA GLU A 17 30.87 -6.65 -8.43
C GLU A 17 31.35 -6.51 -6.99
N MET A 18 31.42 -5.28 -6.46
CA MET A 18 31.79 -5.11 -5.06
C MET A 18 30.67 -5.58 -4.14
N TYR A 19 29.45 -5.09 -4.36
CA TYR A 19 28.31 -5.60 -3.60
C TYR A 19 28.06 -7.07 -3.89
N ILE A 20 28.36 -7.52 -5.11
CA ILE A 20 28.14 -8.92 -5.47
C ILE A 20 28.98 -9.84 -4.57
N LYS A 21 30.24 -9.48 -4.35
CA LYS A 21 31.08 -10.30 -3.47
C LYS A 21 30.64 -10.19 -2.02
N ASN A 22 29.90 -9.13 -1.66
CA ASN A 22 29.39 -8.98 -0.30
C ASN A 22 28.14 -9.79 -0.04
N LEU A 23 27.68 -10.59 -1.01
CA LEU A 23 26.56 -11.48 -0.78
C LEU A 23 26.96 -12.76 -0.07
N GLN A 24 28.24 -13.13 -0.15
CA GLN A 24 28.78 -14.26 0.62
C GLN A 24 29.45 -13.82 1.90
N ASP A 25 29.31 -12.55 2.27
CA ASP A 25 29.88 -12.05 3.51
C ASP A 25 29.19 -12.68 4.72
N ASP A 26 29.95 -12.84 5.80
CA ASP A 26 29.42 -13.44 7.01
C ASP A 26 28.62 -12.48 7.86
N SER A 27 28.42 -11.25 7.40
CA SER A 27 27.59 -10.27 8.10
C SER A 27 26.27 -10.13 7.36
N THR A 28 25.16 -10.33 8.08
CA THR A 28 23.85 -10.25 7.45
C THR A 28 23.59 -8.87 6.88
N THR A 29 23.94 -7.82 7.64
CA THR A 29 23.70 -6.45 7.19
C THR A 29 24.39 -6.17 5.86
N VAL A 30 25.66 -6.56 5.74
CA VAL A 30 26.39 -6.31 4.51
C VAL A 30 25.78 -7.10 3.36
N ARG A 31 25.17 -8.25 3.64
CA ARG A 31 24.62 -9.08 2.58
C ARG A 31 23.41 -8.42 1.93
N PHE A 32 22.33 -8.20 2.70
CA PHE A 32 21.12 -7.68 2.09
C PHE A 32 21.27 -6.23 1.66
N ASN A 33 22.15 -5.47 2.32
CA ASN A 33 22.42 -4.11 1.86
C ASN A 33 23.15 -4.12 0.54
N ALA A 34 23.91 -5.18 0.26
CA ALA A 34 24.50 -5.37 -1.06
C ALA A 34 23.46 -5.86 -2.06
N ALA A 35 22.49 -6.66 -1.61
CA ALA A 35 21.42 -7.08 -2.49
C ALA A 35 20.55 -5.90 -2.91
N TYR A 36 20.24 -5.00 -1.98
CA TYR A 36 19.45 -3.82 -2.31
C TYR A 36 20.16 -2.94 -3.33
N ALA A 37 21.48 -2.75 -3.16
CA ALA A 37 22.24 -1.99 -4.13
C ALA A 37 22.23 -2.67 -5.49
N LEU A 38 22.20 -4.01 -5.51
CA LEU A 38 22.10 -4.74 -6.77
C LEU A 38 20.78 -4.48 -7.47
N GLY A 39 19.69 -4.39 -6.69
CA GLY A 39 18.40 -4.06 -7.29
C GLY A 39 18.35 -2.63 -7.80
N LYS A 40 18.92 -1.69 -7.03
CA LYS A 40 18.90 -0.30 -7.47
C LYS A 40 19.87 -0.08 -8.64
N ILE A 41 20.89 -0.92 -8.77
CA ILE A 41 21.77 -0.82 -9.93
C ILE A 41 21.18 -1.58 -11.11
N GLY A 42 20.66 -2.78 -10.87
CA GLY A 42 20.03 -3.54 -11.93
C GLY A 42 20.96 -4.15 -12.94
N ASP A 43 22.27 -4.10 -12.71
CA ASP A 43 23.23 -4.70 -13.63
C ASP A 43 23.04 -6.21 -13.63
N GLU A 44 22.77 -6.77 -14.81
CA GLU A 44 22.37 -8.17 -14.93
C GLU A 44 23.48 -9.15 -14.56
N ARG A 45 24.68 -8.67 -14.23
CA ARG A 45 25.73 -9.58 -13.73
C ARG A 45 25.46 -10.05 -12.31
N ALA A 46 24.29 -9.74 -11.77
CA ALA A 46 23.96 -10.03 -10.38
C ALA A 46 22.79 -11.00 -10.25
N VAL A 47 22.31 -11.57 -11.35
CA VAL A 47 21.18 -12.48 -11.28
C VAL A 47 21.56 -13.76 -10.54
N GLU A 48 22.61 -14.43 -11.01
CA GLU A 48 23.04 -15.67 -10.35
C GLU A 48 23.48 -15.47 -8.91
N PRO A 49 24.25 -14.44 -8.54
CA PRO A 49 24.60 -14.30 -7.11
C PRO A 49 23.38 -14.12 -6.21
N LEU A 50 22.34 -13.43 -6.68
CA LEU A 50 21.15 -13.24 -5.86
C LEU A 50 20.27 -14.49 -5.84
N ILE A 51 20.31 -15.29 -6.92
CA ILE A 51 19.60 -16.56 -6.91
C ILE A 51 20.16 -17.48 -5.83
N LYS A 52 21.48 -17.48 -5.66
CA LYS A 52 22.08 -18.19 -4.54
C LYS A 52 21.70 -17.55 -3.21
N ALA A 53 21.51 -16.23 -3.19
CA ALA A 53 21.08 -15.53 -1.99
C ALA A 53 19.62 -15.74 -1.68
N LEU A 54 18.86 -16.35 -2.58
CA LEU A 54 17.46 -16.69 -2.30
C LEU A 54 17.32 -17.75 -1.24
N LYS A 55 18.42 -18.40 -0.83
CA LYS A 55 18.40 -19.41 0.21
C LYS A 55 19.33 -19.05 1.36
N ASP A 56 19.62 -17.76 1.55
CA ASP A 56 20.47 -17.32 2.64
C ASP A 56 19.86 -17.70 3.97
N GLU A 57 20.72 -17.94 4.97
CA GLU A 57 20.23 -18.36 6.27
C GLU A 57 19.40 -17.28 6.96
N ASP A 58 19.54 -16.03 6.54
CA ASP A 58 18.76 -14.93 7.09
C ASP A 58 17.63 -14.59 6.12
N TRP A 59 16.43 -14.39 6.66
CA TRP A 59 15.27 -14.17 5.81
C TRP A 59 15.35 -12.84 5.08
N LEU A 60 15.96 -11.82 5.69
CA LEU A 60 16.01 -10.51 5.05
C LEU A 60 16.90 -10.52 3.83
N VAL A 61 18.04 -11.21 3.91
CA VAL A 61 18.88 -11.37 2.72
C VAL A 61 18.12 -12.13 1.64
N ARG A 62 17.30 -13.10 2.04
CA ARG A 62 16.40 -13.74 1.09
C ARG A 62 15.33 -12.76 0.59
N PHE A 63 14.80 -11.95 1.50
CA PHE A 63 13.82 -10.94 1.11
C PHE A 63 14.43 -9.91 0.18
N SER A 64 15.62 -9.41 0.52
CA SER A 64 16.24 -8.37 -0.29
C SER A 64 16.70 -8.92 -1.63
N ALA A 65 17.26 -10.13 -1.66
CA ALA A 65 17.65 -10.73 -2.93
C ALA A 65 16.45 -11.02 -3.80
N ALA A 66 15.35 -11.49 -3.20
CA ALA A 66 14.13 -11.72 -3.96
C ALA A 66 13.63 -10.42 -4.59
N ARG A 67 13.55 -9.36 -3.78
CA ARG A 67 13.13 -8.06 -4.31
C ARG A 67 14.09 -7.58 -5.39
N ALA A 68 15.39 -7.71 -5.16
CA ALA A 68 16.37 -7.24 -6.13
C ALA A 68 16.28 -8.02 -7.44
N LEU A 69 15.91 -9.30 -7.38
CA LEU A 69 15.76 -10.07 -8.60
C LEU A 69 14.63 -9.51 -9.47
N GLY A 70 13.53 -9.08 -8.85
CA GLY A 70 12.49 -8.40 -9.58
C GLY A 70 12.87 -7.01 -10.04
N GLU A 71 13.85 -6.40 -9.39
CA GLU A 71 14.33 -5.08 -9.80
C GLU A 71 15.18 -5.19 -11.06
N ILE A 72 15.99 -6.23 -11.18
CA ILE A 72 16.81 -6.42 -12.38
C ILE A 72 15.93 -6.78 -13.57
N GLY A 73 14.93 -7.63 -13.34
CA GLY A 73 14.00 -7.99 -14.39
C GLY A 73 14.61 -8.92 -15.42
N ASP A 74 15.16 -10.03 -14.95
CA ASP A 74 15.76 -11.04 -15.82
C ASP A 74 14.96 -12.33 -15.71
N GLU A 75 14.81 -13.02 -16.85
CA GLU A 75 14.03 -14.26 -16.88
C GLU A 75 14.64 -15.35 -16.01
N ARG A 76 15.94 -15.28 -15.73
CA ARG A 76 16.61 -16.33 -14.97
C ARG A 76 16.22 -16.34 -13.50
N ALA A 77 15.53 -15.31 -13.01
CA ALA A 77 15.12 -15.25 -11.62
C ALA A 77 13.75 -15.87 -11.37
N VAL A 78 12.97 -16.12 -12.42
CA VAL A 78 11.59 -16.59 -12.29
C VAL A 78 11.54 -17.90 -11.53
N GLU A 79 12.07 -18.97 -12.13
CA GLU A 79 12.04 -20.27 -11.47
C GLU A 79 12.71 -20.28 -10.10
N PRO A 80 13.83 -19.58 -9.87
CA PRO A 80 14.32 -19.46 -8.49
C PRO A 80 13.32 -18.78 -7.56
N LEU A 81 12.77 -17.64 -7.99
CA LEU A 81 11.72 -16.99 -7.21
C LEU A 81 10.48 -17.85 -7.13
N ILE A 82 10.20 -18.64 -8.17
CA ILE A 82 9.09 -19.57 -8.12
C ILE A 82 9.25 -20.54 -6.96
N LYS A 83 10.47 -21.03 -6.75
CA LYS A 83 10.73 -21.86 -5.57
C LYS A 83 10.76 -21.02 -4.30
N ALA A 84 11.18 -19.77 -4.41
CA ALA A 84 11.18 -18.87 -3.25
C ALA A 84 9.77 -18.52 -2.79
N LEU A 85 8.74 -18.83 -3.59
CA LEU A 85 7.37 -18.68 -3.13
C LEU A 85 7.05 -19.64 -2.00
N LYS A 86 7.71 -20.80 -1.98
CA LYS A 86 7.52 -21.80 -0.94
C LYS A 86 8.46 -21.57 0.25
N ASP A 87 9.02 -20.37 0.37
CA ASP A 87 9.96 -20.09 1.45
C ASP A 87 9.25 -20.18 2.81
N GLU A 88 10.04 -20.51 3.83
CA GLU A 88 9.49 -20.62 5.18
C GLU A 88 9.03 -19.26 5.70
N ASP A 89 9.69 -18.18 5.27
CA ASP A 89 9.42 -16.85 5.80
C ASP A 89 8.41 -16.14 4.91
N SER A 90 7.36 -15.61 5.54
CA SER A 90 6.27 -14.99 4.77
C SER A 90 6.72 -13.75 4.03
N SER A 91 7.72 -13.03 4.57
CA SER A 91 8.23 -11.86 3.87
C SER A 91 8.96 -12.23 2.59
N VAL A 92 9.74 -13.33 2.64
CA VAL A 92 10.39 -13.81 1.44
C VAL A 92 9.36 -14.31 0.44
N ARG A 93 8.30 -14.96 0.94
CA ARG A 93 7.19 -15.35 0.06
C ARG A 93 6.57 -14.13 -0.60
N PHE A 94 6.40 -13.05 0.16
CA PHE A 94 5.87 -11.81 -0.40
C PHE A 94 6.84 -11.22 -1.42
N SER A 95 8.11 -11.11 -1.04
CA SER A 95 9.10 -10.49 -1.93
C SER A 95 9.22 -11.27 -3.23
N ALA A 96 9.23 -12.60 -3.16
CA ALA A 96 9.27 -13.42 -4.36
C ALA A 96 8.00 -13.25 -5.19
N ALA A 97 6.84 -13.20 -4.53
CA ALA A 97 5.59 -12.98 -5.25
C ALA A 97 5.54 -11.57 -5.83
N TYR A 98 6.08 -10.59 -5.12
CA TYR A 98 6.18 -9.24 -5.66
C TYR A 98 7.12 -9.22 -6.86
N ALA A 99 8.30 -9.82 -6.71
CA ALA A 99 9.28 -9.81 -7.79
C ALA A 99 8.77 -10.56 -9.01
N LEU A 100 8.09 -11.69 -8.79
CA LEU A 100 7.53 -12.43 -9.91
C LEU A 100 6.51 -11.58 -10.68
N GLY A 101 5.72 -10.79 -9.96
CA GLY A 101 4.84 -9.84 -10.63
C GLY A 101 5.59 -8.75 -11.35
N LYS A 102 6.76 -8.35 -10.81
CA LYS A 102 7.57 -7.35 -11.48
C LYS A 102 8.25 -7.92 -12.72
N ILE A 103 8.64 -9.19 -12.66
CA ILE A 103 9.17 -9.85 -13.86
C ILE A 103 8.03 -10.20 -14.82
N GLY A 104 6.89 -10.62 -14.28
CA GLY A 104 5.72 -10.85 -15.10
C GLY A 104 5.81 -12.01 -16.07
N ASP A 105 6.67 -12.98 -15.79
CA ASP A 105 6.80 -14.15 -16.66
C ASP A 105 5.68 -15.14 -16.37
N GLU A 106 5.11 -15.72 -17.43
CA GLU A 106 3.99 -16.64 -17.29
C GLU A 106 4.37 -17.93 -16.58
N ARG A 107 5.66 -18.20 -16.36
CA ARG A 107 6.06 -19.34 -15.55
C ARG A 107 5.58 -19.18 -14.11
N ALA A 108 5.48 -17.93 -13.64
CA ALA A 108 5.12 -17.65 -12.26
C ALA A 108 3.62 -17.75 -11.99
N VAL A 109 2.80 -17.90 -13.03
CA VAL A 109 1.35 -17.87 -12.86
C VAL A 109 0.89 -18.99 -11.94
N GLU A 110 1.19 -20.24 -12.31
CA GLU A 110 0.79 -21.37 -11.48
C GLU A 110 1.39 -21.33 -10.07
N PRO A 111 2.65 -20.92 -9.88
CA PRO A 111 3.12 -20.73 -8.48
C PRO A 111 2.38 -19.63 -7.75
N LEU A 112 2.13 -18.49 -8.40
CA LEU A 112 1.37 -17.43 -7.73
C LEU A 112 -0.06 -17.85 -7.47
N ILE A 113 -0.62 -18.70 -8.33
CA ILE A 113 -1.94 -19.27 -8.04
C ILE A 113 -1.87 -20.10 -6.75
N LYS A 114 -0.76 -20.78 -6.51
CA LYS A 114 -0.56 -21.44 -5.23
C LYS A 114 -0.38 -20.42 -4.12
N ALA A 115 0.35 -19.33 -4.40
CA ALA A 115 0.51 -18.27 -3.41
C ALA A 115 -0.80 -17.56 -3.13
N LEU A 116 -1.80 -17.70 -4.00
CA LEU A 116 -3.15 -17.27 -3.66
C LEU A 116 -3.74 -18.09 -2.53
N LYS A 117 -3.17 -19.26 -2.24
CA LYS A 117 -3.58 -20.10 -1.14
C LYS A 117 -2.56 -20.08 0.00
N ASP A 118 -1.82 -18.98 0.11
CA ASP A 118 -0.81 -18.84 1.15
C ASP A 118 -1.49 -18.60 2.49
N GLU A 119 -0.69 -18.36 3.53
CA GLU A 119 -1.22 -18.03 4.84
C GLU A 119 -1.05 -16.56 5.22
N ASP A 120 0.05 -15.94 4.80
CA ASP A 120 0.20 -14.50 4.98
C ASP A 120 -0.83 -13.80 4.10
N PRO A 121 -1.78 -13.07 4.66
CA PRO A 121 -2.78 -12.37 3.82
C PRO A 121 -2.20 -11.27 2.95
N ARG A 122 -0.88 -11.03 3.02
CA ARG A 122 -0.21 -10.12 2.10
C ARG A 122 0.42 -10.85 0.93
N VAL A 123 0.93 -12.06 1.15
CA VAL A 123 1.40 -12.89 0.04
C VAL A 123 0.25 -13.18 -0.92
N ARG A 124 -0.88 -13.65 -0.38
CA ARG A 124 -2.08 -13.82 -1.20
C ARG A 124 -2.50 -12.50 -1.81
N ARG A 125 -2.36 -11.40 -1.06
CA ARG A 125 -2.67 -10.09 -1.61
C ARG A 125 -1.71 -9.72 -2.73
N ILE A 126 -0.42 -9.98 -2.56
CA ILE A 126 0.53 -9.61 -3.59
C ILE A 126 0.58 -10.64 -4.71
N ALA A 127 0.28 -11.91 -4.41
CA ALA A 127 0.14 -12.89 -5.48
C ALA A 127 -1.01 -12.52 -6.40
N ALA A 128 -2.11 -12.04 -5.82
CA ALA A 128 -3.20 -11.51 -6.62
C ALA A 128 -2.72 -10.33 -7.47
N GLY A 129 -2.09 -9.34 -6.84
CA GLY A 129 -1.57 -8.22 -7.58
C GLY A 129 -0.54 -8.62 -8.62
N ALA A 130 0.27 -9.63 -8.30
CA ALA A 130 1.24 -10.13 -9.27
C ALA A 130 0.54 -10.80 -10.45
N LEU A 131 -0.45 -11.65 -10.16
CA LEU A 131 -1.21 -12.28 -11.23
C LEU A 131 -2.00 -11.27 -12.04
N GLY A 132 -2.32 -10.10 -11.47
CA GLY A 132 -2.94 -9.05 -12.26
C GLY A 132 -1.96 -8.42 -13.24
N GLU A 133 -0.70 -8.26 -12.81
CA GLU A 133 0.31 -7.68 -13.70
C GLU A 133 0.63 -8.64 -14.85
N ILE A 134 0.74 -9.93 -14.55
CA ILE A 134 0.99 -10.91 -15.60
C ILE A 134 -0.20 -10.97 -16.56
N GLY A 135 -1.42 -10.78 -16.04
CA GLY A 135 -2.59 -10.79 -16.88
C GLY A 135 -2.93 -12.11 -17.50
N ASP A 136 -2.38 -13.21 -16.97
CA ASP A 136 -2.63 -14.52 -17.53
C ASP A 136 -4.04 -14.98 -17.17
N GLU A 137 -4.83 -15.30 -18.20
CA GLU A 137 -6.21 -15.74 -17.97
C GLU A 137 -6.28 -17.03 -17.16
N ARG A 138 -5.16 -17.73 -16.98
CA ARG A 138 -5.15 -18.89 -16.09
C ARG A 138 -5.44 -18.49 -14.66
N ALA A 139 -5.09 -17.26 -14.28
CA ALA A 139 -5.25 -16.79 -12.92
C ALA A 139 -6.64 -16.25 -12.63
N VAL A 140 -7.54 -16.20 -13.61
CA VAL A 140 -8.86 -15.65 -13.39
C VAL A 140 -9.65 -16.49 -12.39
N GLU A 141 -9.84 -17.76 -12.71
CA GLU A 141 -10.57 -18.65 -11.80
C GLU A 141 -9.98 -18.71 -10.40
N PRO A 142 -8.66 -18.83 -10.20
CA PRO A 142 -8.14 -18.78 -8.83
C PRO A 142 -8.38 -17.45 -8.15
N LEU A 143 -8.28 -16.34 -8.88
CA LEU A 143 -8.56 -15.03 -8.28
C LEU A 143 -10.01 -14.92 -7.86
N ILE A 144 -10.93 -15.58 -8.57
CA ILE A 144 -12.33 -15.62 -8.16
C ILE A 144 -12.46 -16.30 -6.80
N LYS A 145 -11.67 -17.34 -6.56
CA LYS A 145 -11.66 -17.98 -5.25
C LYS A 145 -11.12 -17.03 -4.19
N ALA A 146 -10.18 -16.15 -4.57
CA ALA A 146 -9.64 -15.18 -3.64
C ALA A 146 -10.62 -14.04 -3.35
N LEU A 147 -11.69 -13.91 -4.14
CA LEU A 147 -12.78 -13.01 -3.78
C LEU A 147 -13.57 -13.51 -2.57
N LYS A 148 -13.26 -14.70 -2.07
CA LYS A 148 -13.86 -15.24 -0.86
C LYS A 148 -12.84 -15.38 0.26
N ASP A 149 -11.63 -14.89 0.05
CA ASP A 149 -10.60 -14.96 1.09
C ASP A 149 -11.00 -14.09 2.27
N GLU A 150 -10.83 -14.62 3.48
CA GLU A 150 -11.31 -13.94 4.68
C GLU A 150 -10.67 -12.56 4.84
N ASP A 151 -9.45 -12.39 4.37
CA ASP A 151 -8.80 -11.08 4.48
C ASP A 151 -9.37 -10.13 3.45
N PRO A 152 -9.79 -8.93 3.85
CA PRO A 152 -10.35 -7.98 2.86
C PRO A 152 -9.33 -7.51 1.84
N TYR A 153 -8.08 -7.33 2.25
CA TYR A 153 -7.06 -6.87 1.31
C TYR A 153 -6.77 -7.87 0.21
N VAL A 154 -7.05 -9.16 0.44
CA VAL A 154 -6.92 -10.15 -0.63
C VAL A 154 -8.14 -10.10 -1.54
N ARG A 155 -9.34 -10.16 -0.95
CA ARG A 155 -10.57 -9.97 -1.71
C ARG A 155 -10.49 -8.72 -2.57
N MET A 156 -9.92 -7.66 -2.02
CA MET A 156 -9.80 -6.41 -2.76
C MET A 156 -8.71 -6.50 -3.82
N ALA A 157 -7.56 -7.08 -3.49
CA ALA A 157 -6.50 -7.24 -4.48
C ALA A 157 -6.88 -8.24 -5.55
N ALA A 158 -7.63 -9.29 -5.19
CA ALA A 158 -8.15 -10.22 -6.19
C ALA A 158 -9.12 -9.52 -7.13
N ALA A 159 -9.99 -8.67 -6.57
CA ALA A 159 -10.90 -7.90 -7.40
C ALA A 159 -10.15 -6.96 -8.33
N TYR A 160 -9.16 -6.24 -7.79
CA TYR A 160 -8.35 -5.37 -8.63
C TYR A 160 -7.63 -6.16 -9.72
N ALA A 161 -7.10 -7.33 -9.38
CA ALA A 161 -6.42 -8.15 -10.38
C ALA A 161 -7.40 -8.70 -11.40
N LEU A 162 -8.60 -9.08 -10.95
CA LEU A 162 -9.61 -9.58 -11.88
C LEU A 162 -10.07 -8.50 -12.85
N GLY A 163 -10.08 -7.24 -12.42
CA GLY A 163 -10.40 -6.16 -13.33
C GLY A 163 -9.26 -5.79 -14.25
N LYS A 164 -8.01 -5.90 -13.76
CA LYS A 164 -6.85 -5.64 -14.59
C LYS A 164 -6.71 -6.71 -15.68
N ILE A 165 -7.02 -7.96 -15.34
CA ILE A 165 -7.09 -9.00 -16.36
C ILE A 165 -8.23 -8.72 -17.32
N GLY A 166 -9.34 -8.17 -16.80
CA GLY A 166 -10.46 -7.80 -17.64
C GLY A 166 -11.26 -8.95 -18.18
N ASP A 167 -11.06 -10.16 -17.67
CA ASP A 167 -11.76 -11.34 -18.19
C ASP A 167 -13.21 -11.34 -17.71
N GLU A 168 -14.14 -11.61 -18.63
CA GLU A 168 -15.56 -11.53 -18.31
C GLU A 168 -15.97 -12.55 -17.26
N ARG A 169 -15.21 -13.63 -17.13
CA ARG A 169 -15.52 -14.67 -16.16
C ARG A 169 -15.65 -14.11 -14.74
N ALA A 170 -14.94 -13.02 -14.45
CA ALA A 170 -14.95 -12.43 -13.13
C ALA A 170 -16.13 -11.49 -12.88
N VAL A 171 -16.90 -11.17 -13.93
CA VAL A 171 -17.93 -10.13 -13.81
C VAL A 171 -18.92 -10.48 -12.70
N GLU A 172 -19.61 -11.60 -12.84
CA GLU A 172 -20.59 -11.99 -11.83
C GLU A 172 -19.97 -12.27 -10.47
N PRO A 173 -18.78 -12.87 -10.35
CA PRO A 173 -18.13 -12.91 -9.03
C PRO A 173 -17.85 -11.52 -8.47
N LEU A 174 -17.44 -10.57 -9.33
CA LEU A 174 -17.26 -9.20 -8.86
C LEU A 174 -18.60 -8.50 -8.63
N ILE A 175 -19.64 -8.88 -9.38
CA ILE A 175 -20.97 -8.34 -9.13
C ILE A 175 -21.43 -8.68 -7.72
N LYS A 176 -21.26 -9.95 -7.34
CA LYS A 176 -21.57 -10.36 -5.97
C LYS A 176 -20.55 -9.83 -4.96
N ALA A 177 -19.41 -9.32 -5.44
CA ALA A 177 -18.45 -8.68 -4.55
C ALA A 177 -18.80 -7.23 -4.26
N LEU A 178 -19.73 -6.65 -5.00
CA LEU A 178 -20.28 -5.34 -4.66
C LEU A 178 -21.21 -5.39 -3.44
N LYS A 179 -21.46 -6.59 -2.90
CA LYS A 179 -22.24 -6.77 -1.69
C LYS A 179 -21.38 -7.31 -0.55
N ASP A 180 -20.07 -7.14 -0.64
CA ASP A 180 -19.16 -7.60 0.40
C ASP A 180 -19.23 -6.68 1.61
N GLU A 181 -18.94 -7.24 2.79
CA GLU A 181 -19.06 -6.46 4.02
C GLU A 181 -18.03 -5.35 4.09
N ASP A 182 -16.87 -5.53 3.49
CA ASP A 182 -15.83 -4.50 3.49
C ASP A 182 -16.04 -3.56 2.31
N GLY A 183 -15.78 -2.27 2.55
CA GLY A 183 -15.96 -1.27 1.51
C GLY A 183 -14.78 -1.14 0.56
N TYR A 184 -13.61 -1.68 0.93
CA TYR A 184 -12.47 -1.60 0.04
C TYR A 184 -12.54 -2.62 -1.08
N VAL A 185 -12.94 -3.87 -0.75
CA VAL A 185 -13.15 -4.86 -1.80
C VAL A 185 -14.31 -4.44 -2.69
N ARG A 186 -15.33 -3.81 -2.12
CA ARG A 186 -16.40 -3.25 -2.93
C ARG A 186 -15.87 -2.11 -3.80
N ARG A 187 -14.95 -1.31 -3.26
CA ARG A 187 -14.28 -0.29 -4.08
C ARG A 187 -13.56 -0.94 -5.24
N ALA A 188 -12.90 -2.08 -4.99
CA ALA A 188 -12.19 -2.78 -6.05
C ALA A 188 -13.16 -3.43 -7.02
N ALA A 189 -14.15 -4.16 -6.49
CA ALA A 189 -15.12 -4.82 -7.36
C ALA A 189 -15.83 -3.82 -8.27
N ALA A 190 -16.07 -2.61 -7.77
CA ALA A 190 -16.63 -1.57 -8.61
C ALA A 190 -15.62 -1.09 -9.64
N TYR A 191 -14.39 -0.80 -9.20
CA TYR A 191 -13.35 -0.41 -10.14
C TYR A 191 -13.06 -1.53 -11.13
N ALA A 192 -13.06 -2.78 -10.66
CA ALA A 192 -12.81 -3.90 -11.54
C ALA A 192 -13.87 -4.00 -12.62
N LEU A 193 -15.14 -4.02 -12.21
CA LEU A 193 -16.23 -4.11 -13.17
C LEU A 193 -16.25 -2.91 -14.12
N GLY A 194 -15.72 -1.77 -13.68
CA GLY A 194 -15.56 -0.66 -14.59
C GLY A 194 -14.53 -0.91 -15.67
N LYS A 195 -13.39 -1.50 -15.30
CA LYS A 195 -12.38 -1.84 -16.28
C LYS A 195 -12.87 -2.93 -17.22
N ILE A 196 -13.51 -3.97 -16.67
CA ILE A 196 -14.05 -5.03 -17.52
C ILE A 196 -15.17 -4.48 -18.40
N GLY A 197 -15.95 -3.53 -17.89
CA GLY A 197 -16.93 -2.84 -18.72
C GLY A 197 -18.07 -3.71 -19.19
N ASP A 198 -18.57 -4.60 -18.34
CA ASP A 198 -19.64 -5.51 -18.71
C ASP A 198 -20.99 -4.87 -18.45
N GLU A 199 -21.92 -5.07 -19.39
CA GLU A 199 -23.29 -4.57 -19.21
C GLU A 199 -24.00 -5.26 -18.05
N ARG A 200 -23.55 -6.44 -17.65
CA ARG A 200 -24.17 -7.13 -16.53
C ARG A 200 -23.98 -6.35 -15.24
N ALA A 201 -22.83 -5.70 -15.07
CA ALA A 201 -22.52 -5.01 -13.83
C ALA A 201 -23.26 -3.69 -13.67
N VAL A 202 -24.00 -3.25 -14.69
CA VAL A 202 -24.63 -1.93 -14.64
C VAL A 202 -25.64 -1.87 -13.50
N GLU A 203 -26.60 -2.79 -13.50
CA GLU A 203 -27.61 -2.81 -12.45
C GLU A 203 -27.02 -3.00 -11.05
N PRO A 204 -26.06 -3.92 -10.82
CA PRO A 204 -25.45 -3.99 -9.48
C PRO A 204 -24.64 -2.76 -9.12
N LEU A 205 -23.96 -2.14 -10.09
CA LEU A 205 -23.24 -0.90 -9.80
C LEU A 205 -24.20 0.25 -9.53
N ILE A 206 -25.38 0.24 -10.16
CA ILE A 206 -26.40 1.24 -9.86
C ILE A 206 -26.84 1.11 -8.41
N LYS A 207 -27.08 -0.13 -7.95
CA LYS A 207 -27.38 -0.34 -6.54
C LYS A 207 -26.18 0.00 -5.66
N ALA A 208 -24.96 -0.14 -6.19
CA ALA A 208 -23.76 0.25 -5.46
C ALA A 208 -23.61 1.77 -5.39
N LEU A 209 -24.35 2.52 -6.21
CA LEU A 209 -24.34 3.97 -6.08
C LEU A 209 -25.09 4.42 -4.83
N LYS A 210 -25.92 3.55 -4.25
CA LYS A 210 -26.59 3.81 -2.98
C LYS A 210 -25.85 3.18 -1.81
N ASP A 211 -24.53 3.03 -1.94
CA ASP A 211 -23.72 2.42 -0.90
C ASP A 211 -23.38 3.43 0.18
N GLU A 212 -23.20 2.92 1.40
CA GLU A 212 -22.86 3.80 2.52
C GLU A 212 -21.46 4.38 2.37
N ASP A 213 -20.57 3.67 1.68
CA ASP A 213 -19.19 4.12 1.53
C ASP A 213 -19.11 5.17 0.42
N GLU A 214 -18.47 6.30 0.72
CA GLU A 214 -18.28 7.34 -0.28
C GLU A 214 -17.25 6.96 -1.33
N ASN A 215 -16.52 5.87 -1.13
CA ASN A 215 -15.57 5.38 -2.12
C ASN A 215 -16.18 4.36 -3.05
N VAL A 216 -17.07 3.50 -2.53
CA VAL A 216 -17.79 2.58 -3.40
C VAL A 216 -18.70 3.34 -4.35
N ARG A 217 -19.40 4.35 -3.84
CA ARG A 217 -20.16 5.23 -4.71
C ARG A 217 -19.26 5.93 -5.72
N LEU A 218 -18.05 6.29 -5.28
CA LEU A 218 -17.10 6.95 -6.17
C LEU A 218 -16.67 6.03 -7.31
N ALA A 219 -16.38 4.77 -6.99
CA ALA A 219 -15.95 3.83 -8.01
C ALA A 219 -17.12 3.40 -8.89
N ALA A 220 -18.25 3.03 -8.27
CA ALA A 220 -19.42 2.63 -9.05
C ALA A 220 -19.86 3.72 -10.01
N ALA A 221 -19.69 4.99 -9.61
CA ALA A 221 -19.96 6.07 -10.54
C ALA A 221 -18.97 6.06 -11.70
N GLN A 222 -17.67 5.99 -11.37
CA GLN A 222 -16.65 5.94 -12.41
C GLN A 222 -16.77 4.66 -13.23
N ALA A 223 -17.12 3.55 -12.58
CA ALA A 223 -17.31 2.29 -13.30
C ALA A 223 -18.37 2.42 -14.38
N LEU A 224 -19.54 2.95 -14.01
CA LEU A 224 -20.61 3.10 -14.99
C LEU A 224 -20.25 4.11 -16.07
N GLY A 225 -19.36 5.05 -15.77
CA GLY A 225 -18.84 5.90 -16.82
C GLY A 225 -17.93 5.15 -17.76
N LYS A 226 -17.17 4.18 -17.23
CA LYS A 226 -16.34 3.34 -18.09
C LYS A 226 -17.19 2.41 -18.93
N ILE A 227 -18.23 1.82 -18.33
CA ILE A 227 -19.10 0.90 -19.07
C ILE A 227 -19.84 1.62 -20.19
N GLY A 228 -20.12 2.91 -20.01
CA GLY A 228 -20.79 3.66 -21.05
C GLY A 228 -22.21 3.25 -21.32
N ASP A 229 -22.83 2.50 -20.41
CA ASP A 229 -24.21 2.08 -20.59
C ASP A 229 -25.16 3.18 -20.13
N GLU A 230 -26.33 3.24 -20.77
CA GLU A 230 -27.28 4.31 -20.52
C GLU A 230 -28.33 3.95 -19.48
N ARG A 231 -28.35 2.70 -19.01
CA ARG A 231 -29.25 2.36 -17.90
C ARG A 231 -28.84 3.04 -16.61
N ALA A 232 -27.64 3.60 -16.54
CA ALA A 232 -27.14 4.26 -15.34
C ALA A 232 -27.10 5.78 -15.49
N VAL A 233 -27.76 6.33 -16.50
CA VAL A 233 -27.78 7.79 -16.67
C VAL A 233 -28.55 8.43 -15.51
N GLU A 234 -29.79 8.03 -15.32
CA GLU A 234 -30.57 8.55 -14.19
C GLU A 234 -29.99 8.17 -12.83
N PRO A 235 -29.52 6.93 -12.58
CA PRO A 235 -28.83 6.65 -11.31
C PRO A 235 -27.61 7.52 -11.08
N LEU A 236 -26.99 8.06 -12.14
CA LEU A 236 -25.91 9.01 -11.98
C LEU A 236 -26.41 10.43 -11.76
N ILE A 237 -27.64 10.74 -12.15
CA ILE A 237 -28.20 12.07 -11.92
C ILE A 237 -28.42 12.28 -10.42
N LYS A 238 -29.06 11.30 -9.76
CA LYS A 238 -29.18 11.36 -8.31
C LYS A 238 -27.84 11.20 -7.63
N ALA A 239 -26.84 10.63 -8.32
CA ALA A 239 -25.48 10.63 -7.80
C ALA A 239 -24.83 12.00 -7.91
N LEU A 240 -25.36 12.89 -8.75
CA LEU A 240 -24.89 14.27 -8.77
C LEU A 240 -25.38 15.06 -7.56
N LYS A 241 -26.32 14.50 -6.79
CA LYS A 241 -26.73 15.08 -5.52
C LYS A 241 -26.11 14.35 -4.33
N ASP A 242 -24.92 13.79 -4.52
CA ASP A 242 -24.27 12.99 -3.50
C ASP A 242 -23.64 13.87 -2.43
N GLU A 243 -23.70 13.42 -1.18
CA GLU A 243 -23.10 14.17 -0.09
C GLU A 243 -21.58 14.21 -0.20
N ASP A 244 -20.98 13.22 -0.85
CA ASP A 244 -19.55 13.22 -1.08
C ASP A 244 -19.23 14.06 -2.31
N ARG A 245 -18.27 14.97 -2.18
CA ARG A 245 -17.93 15.86 -3.29
C ARG A 245 -17.42 15.09 -4.49
N TYR A 246 -16.58 14.09 -4.26
CA TYR A 246 -15.91 13.41 -5.35
C TYR A 246 -16.82 12.44 -6.09
N VAL A 247 -17.83 11.89 -5.41
CA VAL A 247 -18.84 11.10 -6.11
C VAL A 247 -19.61 11.98 -7.06
N ARG A 248 -19.87 13.23 -6.66
CA ARG A 248 -20.54 14.18 -7.55
C ARG A 248 -19.67 14.50 -8.76
N LEU A 249 -18.42 14.87 -8.53
CA LEU A 249 -17.50 15.16 -9.63
C LEU A 249 -17.27 13.94 -10.50
N THR A 250 -17.24 12.74 -9.90
CA THR A 250 -17.08 11.53 -10.68
C THR A 250 -18.27 11.31 -11.60
N ALA A 251 -19.48 11.48 -11.07
CA ALA A 251 -20.68 11.34 -11.91
C ALA A 251 -20.72 12.41 -12.99
N ALA A 252 -20.15 13.59 -12.72
CA ALA A 252 -20.02 14.59 -13.77
C ALA A 252 -19.06 14.11 -14.85
N ARG A 253 -17.94 13.51 -14.46
CA ARG A 253 -17.05 12.88 -15.43
C ARG A 253 -17.71 11.68 -16.08
N ALA A 254 -18.38 10.84 -15.30
CA ALA A 254 -18.94 9.60 -15.82
C ALA A 254 -20.13 9.82 -16.74
N LEU A 255 -20.74 11.00 -16.70
CA LEU A 255 -21.87 11.29 -17.60
C LEU A 255 -21.41 11.90 -18.92
N GLY A 256 -20.31 12.67 -18.91
CA GLY A 256 -19.72 13.11 -20.16
C GLY A 256 -19.17 11.96 -20.99
N LYS A 257 -18.86 10.83 -20.35
CA LYS A 257 -18.46 9.63 -21.09
C LYS A 257 -19.65 9.01 -21.81
N ILE A 258 -20.71 8.70 -21.07
CA ILE A 258 -21.93 8.15 -21.65
C ILE A 258 -22.68 9.26 -22.37
N GLY A 259 -22.10 9.78 -23.45
CA GLY A 259 -22.68 10.88 -24.17
C GLY A 259 -23.96 10.50 -24.90
N GLY A 260 -24.49 11.47 -25.63
CA GLY A 260 -25.69 11.29 -26.43
C GLY A 260 -26.80 12.19 -25.96
N GLU A 261 -28.01 11.89 -26.43
CA GLU A 261 -29.18 12.67 -26.05
C GLU A 261 -29.72 12.27 -24.69
N ARG A 262 -29.55 11.00 -24.30
CA ARG A 262 -30.05 10.55 -23.00
C ARG A 262 -29.43 11.34 -21.87
N VAL A 263 -28.12 11.64 -21.98
CA VAL A 263 -27.52 12.55 -21.01
C VAL A 263 -27.85 13.99 -21.36
N ARG A 264 -27.97 14.32 -22.65
CA ARG A 264 -28.32 15.68 -23.04
C ARG A 264 -29.72 16.05 -22.56
N ALA A 265 -30.70 15.17 -22.81
CA ALA A 265 -32.07 15.45 -22.39
C ALA A 265 -32.17 15.50 -20.87
N ALA A 266 -31.31 14.77 -20.17
CA ALA A 266 -31.22 14.86 -18.72
C ALA A 266 -30.45 16.08 -18.26
N MET A 267 -29.75 16.77 -19.16
CA MET A 267 -29.08 18.02 -18.82
C MET A 267 -29.99 19.22 -19.03
N GLU A 268 -30.77 19.24 -20.12
CA GLU A 268 -31.68 20.35 -20.36
C GLU A 268 -32.77 20.41 -19.29
N LYS A 269 -33.14 19.28 -18.71
CA LYS A 269 -34.03 19.28 -17.56
C LYS A 269 -33.32 19.72 -16.29
N LEU A 270 -31.99 19.67 -16.28
CA LEU A 270 -31.20 20.17 -15.15
C LEU A 270 -30.65 21.57 -15.39
N ALA A 271 -30.49 21.98 -16.64
CA ALA A 271 -30.24 23.40 -16.92
C ALA A 271 -31.50 24.22 -16.69
N GLU A 272 -32.67 23.59 -16.73
CA GLU A 272 -33.93 24.26 -16.43
C GLU A 272 -34.31 24.10 -14.96
N THR A 273 -34.43 22.87 -14.49
CA THR A 273 -34.96 22.56 -13.17
C THR A 273 -33.93 21.92 -12.24
N GLY A 274 -32.65 21.97 -12.59
CA GLY A 274 -31.62 21.44 -11.73
C GLY A 274 -31.11 22.48 -10.75
N THR A 275 -30.64 22.00 -9.60
CA THR A 275 -30.15 22.88 -8.54
C THR A 275 -28.87 22.32 -7.96
N GLY A 276 -28.00 23.22 -7.52
CA GLY A 276 -26.74 22.83 -6.92
C GLY A 276 -25.69 22.40 -7.93
N PHE A 277 -24.94 21.36 -7.59
CA PHE A 277 -23.92 20.85 -8.50
C PHE A 277 -24.52 20.17 -9.73
N ALA A 278 -25.76 19.66 -9.62
CA ALA A 278 -26.40 19.06 -10.78
C ALA A 278 -26.66 20.10 -11.87
N ARG A 279 -27.04 21.32 -11.47
CA ARG A 279 -27.16 22.39 -12.44
C ARG A 279 -25.80 22.87 -12.91
N LYS A 280 -24.76 22.71 -12.08
CA LYS A 280 -23.45 23.25 -12.41
C LYS A 280 -22.86 22.60 -13.66
N VAL A 281 -23.01 21.29 -13.79
CA VAL A 281 -22.44 20.57 -14.93
C VAL A 281 -23.40 20.42 -16.09
N ALA A 282 -24.71 20.57 -15.86
CA ALA A 282 -25.67 20.50 -16.96
C ALA A 282 -25.45 21.64 -17.94
N VAL A 283 -25.26 22.86 -17.43
CA VAL A 283 -24.99 24.00 -18.31
C VAL A 283 -23.62 23.85 -18.94
N ASN A 284 -22.63 23.37 -18.19
CA ASN A 284 -21.28 23.22 -18.75
C ASN A 284 -21.22 22.11 -19.78
N TYR A 285 -21.98 21.03 -19.59
CA TYR A 285 -22.08 20.02 -20.63
C TYR A 285 -22.85 20.57 -21.84
N LEU A 286 -24.05 21.12 -21.60
CA LEU A 286 -24.80 21.72 -22.69
C LEU A 286 -24.06 22.85 -23.38
N GLU A 287 -23.00 23.37 -22.75
CA GLU A 287 -22.05 24.23 -23.45
C GLU A 287 -21.13 23.38 -24.33
N THR A 288 -20.30 22.55 -23.70
CA THR A 288 -19.35 21.69 -24.40
C THR A 288 -20.02 20.34 -24.63
N HIS A 289 -20.80 20.27 -25.70
CA HIS A 289 -21.55 19.05 -26.03
C HIS A 289 -20.59 17.88 -26.26
N ALA B 2 14.89 16.57 12.67
CA ALA B 2 15.49 15.55 13.52
C ALA B 2 15.02 14.15 13.12
N PHE B 3 15.08 13.24 14.08
CA PHE B 3 14.58 11.87 13.92
C PHE B 3 14.59 11.21 15.29
N LEU B 4 13.42 10.82 15.79
CA LEU B 4 13.29 10.36 17.17
C LEU B 4 11.94 9.70 17.34
N ILE B 5 11.91 8.56 18.04
CA ILE B 5 10.66 7.87 18.29
C ILE B 5 10.41 7.85 19.80
N VAL B 6 9.12 7.78 20.16
CA VAL B 6 8.70 7.73 21.55
C VAL B 6 8.05 6.37 21.82
N LYS B 7 7.75 6.12 23.09
CA LYS B 7 7.26 4.82 23.50
C LYS B 7 6.43 4.95 24.77
N GLY B 8 5.36 4.16 24.87
CA GLY B 8 4.50 4.17 26.01
C GLY B 8 5.14 3.56 27.24
N PRO B 9 4.36 3.43 28.32
CA PRO B 9 4.93 2.92 29.59
C PRO B 9 5.27 1.45 29.56
N SER B 10 4.65 0.67 28.67
CA SER B 10 4.88 -0.77 28.55
C SER B 10 4.51 -1.51 29.84
N GLU B 11 4.70 -2.83 29.86
CA GLU B 11 4.39 -3.61 31.05
C GLU B 11 5.21 -4.89 31.15
N LYS B 12 4.84 -5.92 30.39
CA LYS B 12 5.42 -7.25 30.55
C LYS B 12 6.20 -7.76 29.36
N ASP B 13 6.07 -7.11 28.19
CA ASP B 13 6.77 -7.53 26.97
C ASP B 13 6.45 -8.98 26.61
N ASN B 22 16.10 -10.37 21.02
CA ASN B 22 16.57 -11.74 20.85
C ASN B 22 15.48 -12.76 21.20
N GLU B 23 15.40 -13.79 20.37
CA GLU B 23 14.42 -14.88 20.48
C GLU B 23 14.74 -15.90 19.38
N GLN B 24 14.10 -15.72 18.23
CA GLN B 24 14.42 -16.41 17.00
C GLN B 24 14.24 -15.37 15.89
N ASP B 25 15.08 -14.34 15.91
CA ASP B 25 14.90 -13.15 15.10
C ASP B 25 16.22 -12.42 14.85
N PRO B 26 17.12 -12.99 14.05
CA PRO B 26 18.42 -12.35 13.85
C PRO B 26 18.40 -11.26 12.77
N SER B 27 17.64 -11.48 11.71
CA SER B 27 17.67 -10.56 10.57
C SER B 27 16.96 -9.25 10.87
N ALA B 28 15.98 -9.27 11.78
CA ALA B 28 15.24 -8.05 12.09
C ALA B 28 16.11 -7.07 12.86
N ILE B 29 16.72 -7.52 13.96
CA ILE B 29 17.63 -6.66 14.72
C ILE B 29 18.84 -6.29 13.88
N ALA B 30 19.23 -7.16 12.95
CA ALA B 30 20.34 -6.83 12.05
C ALA B 30 20.02 -5.63 11.18
N PHE B 31 18.77 -5.54 10.69
CA PHE B 31 18.38 -4.39 9.88
C PHE B 31 18.28 -3.12 10.70
N LEU B 32 18.08 -3.22 12.02
CA LEU B 32 18.06 -2.04 12.86
C LEU B 32 19.46 -1.48 13.09
N LYS B 33 20.50 -2.28 12.86
CA LYS B 33 21.85 -1.89 13.26
C LYS B 33 22.40 -0.74 12.40
N GLN B 34 21.92 -0.61 11.16
CA GLN B 34 22.40 0.48 10.31
C GLN B 34 22.11 1.84 10.93
N PHE B 35 20.93 2.00 11.51
CA PHE B 35 20.51 3.26 12.12
C PHE B 35 20.68 3.26 13.63
N ALA B 36 20.21 2.21 14.31
CA ALA B 36 20.37 2.13 15.75
C ALA B 36 21.83 1.94 16.11
N ARG B 37 22.21 2.45 17.27
CA ARG B 37 23.62 2.51 17.65
C ARG B 37 24.07 1.25 18.39
N ASN B 38 23.76 1.16 19.68
CA ASN B 38 24.18 0.00 20.46
C ASN B 38 23.49 -1.26 19.94
N HIS B 39 24.16 -2.40 20.14
CA HIS B 39 23.57 -3.67 19.72
C HIS B 39 22.37 -4.04 20.59
N GLU B 40 22.36 -3.61 21.84
CA GLU B 40 21.18 -3.75 22.69
C GLU B 40 20.21 -2.58 22.54
N LYS B 41 20.67 -1.47 21.97
CA LYS B 41 19.76 -0.37 21.66
C LYS B 41 18.66 -0.82 20.70
N ALA B 42 19.07 -1.30 19.52
CA ALA B 42 18.11 -1.87 18.57
C ALA B 42 17.35 -3.03 19.19
N GLU B 43 18.04 -3.84 20.00
CA GLU B 43 17.43 -5.02 20.60
C GLU B 43 16.24 -4.65 21.48
N ARG B 44 16.32 -3.50 22.15
CA ARG B 44 15.18 -3.04 22.94
C ARG B 44 14.11 -2.41 22.06
N PHE B 45 14.52 -1.70 21.01
CA PHE B 45 13.57 -1.09 20.08
C PHE B 45 13.06 -2.06 19.05
N PHE B 46 13.66 -3.26 18.95
CA PHE B 46 13.03 -4.33 18.19
C PHE B 46 11.80 -4.86 18.93
N GLU B 47 11.95 -5.13 20.24
CA GLU B 47 10.83 -5.55 21.06
C GLU B 47 9.75 -4.48 21.15
N LEU B 48 10.08 -3.24 20.80
CA LEU B 48 9.07 -2.20 20.67
C LEU B 48 8.00 -2.59 19.66
N LEU B 49 8.42 -3.00 18.46
CA LEU B 49 7.50 -3.32 17.40
C LEU B 49 6.78 -4.65 17.59
N VAL B 50 7.38 -5.57 18.35
CA VAL B 50 6.85 -6.93 18.43
C VAL B 50 5.65 -7.00 19.37
N ARG B 51 5.78 -6.45 20.57
CA ARG B 51 4.78 -6.63 21.61
C ARG B 51 3.40 -6.11 21.20
N GLU B 52 3.28 -4.80 21.00
CA GLU B 52 1.98 -4.23 20.66
C GLU B 52 1.53 -4.66 19.28
N GLY B 53 2.47 -5.00 18.40
CA GLY B 53 2.14 -5.33 17.04
C GLY B 53 1.43 -4.17 16.35
N VAL B 54 2.16 -3.08 16.12
CA VAL B 54 1.56 -1.88 15.56
C VAL B 54 0.99 -2.20 14.18
N GLU B 55 -0.30 -1.91 14.00
CA GLU B 55 -1.02 -2.24 12.77
C GLU B 55 -1.25 -1.04 11.88
N ALA B 56 -0.78 0.15 12.26
CA ALA B 56 -0.99 1.34 11.46
C ALA B 56 0.14 2.33 11.72
N ILE B 57 0.67 2.91 10.65
CA ILE B 57 1.66 3.97 10.74
C ILE B 57 1.00 5.27 10.29
N ILE B 58 0.92 6.23 11.21
CA ILE B 58 0.41 7.55 10.90
C ILE B 58 1.57 8.43 10.46
N ILE B 59 1.41 9.08 9.31
CA ILE B 59 2.44 9.97 8.77
C ILE B 59 1.85 11.37 8.67
N ALA B 60 2.57 12.34 9.22
CA ALA B 60 2.11 13.73 9.22
C ALA B 60 3.34 14.63 9.21
N ARG B 61 3.16 15.91 9.56
CA ARG B 61 4.26 16.86 9.63
C ARG B 61 4.42 17.40 11.04
N GLY B 62 3.47 18.21 11.52
CA GLY B 62 3.56 18.76 12.86
C GLY B 62 2.34 18.44 13.71
N GLU B 65 -1.74 20.73 13.69
CA GLU B 65 -1.77 19.71 14.73
C GLU B 65 -3.09 18.97 14.71
N ARG B 66 -4.14 19.66 14.25
CA ARG B 66 -5.45 19.01 14.06
C ARG B 66 -5.39 17.91 13.01
N GLU B 67 -4.33 17.87 12.20
CA GLU B 67 -4.15 16.78 11.25
C GLU B 67 -4.06 15.43 11.94
N ILE B 68 -3.51 15.39 13.15
CA ILE B 68 -3.23 14.12 13.81
C ILE B 68 -4.53 13.48 14.29
N GLU B 69 -5.44 14.29 14.86
CA GLU B 69 -6.71 13.74 15.30
C GLU B 69 -7.56 13.21 14.16
N GLN B 70 -7.31 13.67 12.93
CA GLN B 70 -7.98 13.11 11.77
C GLN B 70 -7.47 11.71 11.47
N ALA B 71 -6.14 11.56 11.40
CA ALA B 71 -5.55 10.25 11.11
C ALA B 71 -5.68 9.31 12.30
N ALA B 72 -5.60 9.83 13.53
CA ALA B 72 -5.85 8.99 14.69
C ALA B 72 -7.29 8.48 14.68
N LYS B 73 -8.24 9.35 14.31
CA LYS B 73 -9.59 8.88 14.02
C LYS B 73 -9.57 7.86 12.90
N LEU B 74 -8.77 8.11 11.85
CA LEU B 74 -8.65 7.18 10.75
C LEU B 74 -7.87 5.92 11.15
N ALA B 75 -6.97 6.05 12.13
CA ALA B 75 -6.33 4.86 12.68
C ALA B 75 -7.32 4.07 13.54
N ARG B 76 -8.15 4.77 14.29
CA ARG B 76 -9.27 4.21 15.04
C ARG B 76 -10.45 3.87 14.12
N GLU B 77 -10.23 3.95 12.82
CA GLU B 77 -11.25 3.67 11.81
C GLU B 77 -11.15 2.25 11.27
N LYS B 78 -10.15 1.49 11.69
CA LYS B 78 -10.01 0.11 11.22
C LYS B 78 -9.61 -0.84 12.33
N GLY B 79 -9.88 -0.48 13.60
CA GLY B 79 -9.48 -1.32 14.71
C GLY B 79 -7.99 -1.53 14.79
N PHE B 80 -7.21 -0.48 14.55
CA PHE B 80 -5.76 -0.58 14.45
C PHE B 80 -5.10 0.00 15.70
N GLU B 81 -4.05 -0.68 16.17
CA GLU B 81 -3.19 -0.15 17.23
C GLU B 81 -2.06 0.59 16.54
N ALA B 82 -2.24 1.89 16.34
CA ALA B 82 -1.43 2.65 15.41
C ALA B 82 -0.07 2.98 15.99
N LEU B 83 0.76 3.59 15.14
CA LEU B 83 2.08 4.10 15.50
C LEU B 83 2.26 5.41 14.75
N ALA B 84 2.58 6.48 15.47
CA ALA B 84 2.64 7.80 14.87
C ALA B 84 4.03 8.08 14.29
N PHE B 85 4.05 8.87 13.23
CA PHE B 85 5.28 9.36 12.62
C PHE B 85 4.98 10.70 11.99
N LEU B 86 5.87 11.66 12.20
CA LEU B 86 5.69 13.00 11.66
C LEU B 86 7.02 13.73 11.70
N ALA B 87 7.09 14.83 10.96
CA ALA B 87 8.26 15.70 10.97
C ALA B 87 8.42 16.33 12.35
N GLU B 88 7.82 17.50 12.55
CA GLU B 88 7.91 18.25 13.80
C GLU B 88 9.36 18.64 14.08
N TYR B 89 9.71 19.90 13.83
CA TYR B 89 11.10 20.32 13.92
C TYR B 89 11.39 21.14 15.18
N GLU B 90 10.77 22.32 15.32
CA GLU B 90 11.14 23.25 16.37
C GLU B 90 10.11 23.25 17.51
N ARG B 91 10.39 24.03 18.54
CA ARG B 91 9.65 23.97 19.80
C ARG B 91 8.49 24.96 19.81
N ARG B 92 7.47 24.64 20.61
CA ARG B 92 6.29 25.53 20.64
C ARG B 92 5.42 25.34 21.87
N ASP B 93 5.94 24.86 23.00
CA ASP B 93 5.17 24.45 24.17
C ASP B 93 4.22 23.30 23.83
N ARG B 94 3.94 22.46 24.83
CA ARG B 94 3.33 21.17 24.55
C ARG B 94 4.17 20.48 23.48
N GLN B 95 3.55 20.09 22.36
CA GLN B 95 4.25 19.44 21.27
C GLN B 95 5.16 18.35 21.79
N PHE B 96 6.45 18.68 21.99
CA PHE B 96 7.37 17.83 22.72
C PHE B 96 6.75 17.35 24.02
N ASP B 97 6.14 18.27 24.77
CA ASP B 97 5.44 17.88 25.99
C ASP B 97 4.20 17.05 25.65
N ASP B 98 3.50 17.38 24.56
CA ASP B 98 2.29 16.63 24.22
C ASP B 98 2.58 15.34 23.47
N ILE B 99 3.84 15.10 23.06
CA ILE B 99 4.21 13.82 22.48
C ILE B 99 3.74 12.68 23.38
N ILE B 100 3.99 12.81 24.68
CA ILE B 100 3.59 11.78 25.63
C ILE B 100 2.08 11.73 25.75
N GLU B 101 1.38 12.85 25.53
CA GLU B 101 -0.07 12.85 25.63
C GLU B 101 -0.75 12.23 24.41
N TYR B 102 -0.03 12.10 23.30
CA TYR B 102 -0.57 11.34 22.17
C TYR B 102 -0.99 9.95 22.62
N PHE B 103 -0.18 9.33 23.48
CA PHE B 103 -0.54 8.03 24.04
C PHE B 103 -1.77 8.13 24.92
N GLU B 104 -1.95 9.27 25.60
CA GLU B 104 -3.16 9.49 26.37
C GLU B 104 -4.35 9.78 25.46
N ARG B 105 -4.18 10.74 24.55
CA ARG B 105 -5.31 11.18 23.72
C ARG B 105 -5.69 10.12 22.69
N TYR B 106 -4.72 9.74 21.84
CA TYR B 106 -5.00 8.86 20.72
C TYR B 106 -4.70 7.39 21.00
N GLY B 107 -4.03 7.08 22.10
CA GLY B 107 -3.72 5.70 22.42
C GLY B 107 -2.68 5.08 21.51
N PHE B 108 -1.68 5.85 21.11
CA PHE B 108 -0.62 5.33 20.24
C PHE B 108 0.25 4.33 21.00
N LYS B 109 0.81 3.38 20.25
CA LYS B 109 1.78 2.44 20.81
C LYS B 109 3.20 2.95 20.69
N ALA B 110 3.46 3.89 19.79
CA ALA B 110 4.76 4.53 19.61
C ALA B 110 4.57 5.73 18.69
N VAL B 111 5.38 6.76 18.91
CA VAL B 111 5.32 7.98 18.12
C VAL B 111 6.72 8.32 17.65
N ILE B 112 6.91 8.44 16.34
CA ILE B 112 8.19 8.80 15.74
C ILE B 112 8.14 10.27 15.34
N VAL B 113 9.17 11.02 15.68
CA VAL B 113 9.25 12.45 15.41
C VAL B 113 10.50 12.71 14.58
N ALA B 114 10.34 13.32 13.42
CA ALA B 114 11.47 13.61 12.53
C ALA B 114 11.89 15.07 12.63
N LYS B 120 16.54 18.75 14.46
CA LYS B 120 17.45 18.75 15.60
C LYS B 120 18.27 17.46 15.67
N GLU B 121 19.24 17.31 14.77
CA GLU B 121 20.12 16.16 14.83
C GLU B 121 21.02 16.21 16.05
N LEU B 122 21.54 17.39 16.37
CA LEU B 122 22.25 17.61 17.61
C LEU B 122 21.25 17.97 18.70
N LYS B 123 21.73 18.50 19.83
CA LYS B 123 20.90 18.79 21.00
C LYS B 123 20.16 17.54 21.44
N GLN B 124 19.21 17.09 20.62
CA GLN B 124 18.50 15.81 20.79
C GLN B 124 18.12 15.57 22.25
N ALA B 125 17.52 16.58 22.86
CA ALA B 125 17.10 16.49 24.26
C ALA B 125 16.08 15.37 24.47
N ALA B 126 16.54 14.12 24.35
CA ALA B 126 15.67 12.97 24.57
C ALA B 126 15.36 12.77 26.03
N GLN B 127 16.28 13.15 26.93
CA GLN B 127 16.02 13.09 28.36
C GLN B 127 14.94 14.06 28.81
N LYS B 128 14.55 15.01 27.95
CA LYS B 128 13.35 15.79 28.23
C LYS B 128 12.11 14.92 28.20
N ILE B 129 12.14 13.83 27.45
CA ILE B 129 10.99 12.94 27.29
C ILE B 129 11.10 11.72 28.18
N GLU B 130 12.25 11.03 28.15
CA GLU B 130 12.39 9.80 28.94
C GLU B 130 12.49 10.07 30.43
N GLU B 131 12.56 11.33 30.85
CA GLU B 131 12.48 11.63 32.27
C GLU B 131 11.11 11.26 32.84
N LYS B 132 10.06 11.49 32.07
CA LYS B 132 8.68 11.24 32.51
C LYS B 132 8.17 9.89 32.03
N GLY B 133 8.98 8.85 32.23
CA GLY B 133 8.58 7.47 31.97
C GLY B 133 8.09 7.20 30.55
N PHE B 134 8.89 7.60 29.56
CA PHE B 134 8.54 7.40 28.15
C PHE B 134 9.82 7.02 27.41
N LYS B 135 9.95 5.74 27.08
CA LYS B 135 11.14 5.27 26.36
C LYS B 135 11.27 5.99 25.02
N ALA B 136 12.51 6.18 24.60
CA ALA B 136 12.81 6.90 23.36
C ALA B 136 14.04 6.28 22.70
N LEU B 137 14.37 6.80 21.52
CA LEU B 137 15.52 6.31 20.77
C LEU B 137 16.43 7.45 20.37
N ALA B 138 16.79 7.51 19.08
CA ALA B 138 17.69 8.57 18.62
C ALA B 138 17.52 8.74 17.11
N PHE B 139 18.61 9.09 16.42
CA PHE B 139 18.57 9.49 15.02
C PHE B 139 18.49 8.29 14.08
N SER B 140 18.41 8.58 12.78
CA SER B 140 18.35 7.56 11.74
C SER B 140 18.98 8.05 10.44
N GLY B 141 18.46 9.15 9.89
CA GLY B 141 19.00 9.72 8.68
C GLY B 141 17.96 9.91 7.59
N ARG B 142 18.22 10.82 6.65
CA ARG B 142 17.29 11.09 5.58
C ARG B 142 17.81 10.61 4.23
N ILE B 143 17.98 11.53 3.27
CA ILE B 143 18.29 11.14 1.90
C ILE B 143 19.63 10.42 1.85
N ASP B 144 19.66 9.28 1.18
CA ASP B 144 20.86 8.47 1.04
C ASP B 144 20.87 7.83 -0.34
N GLN B 145 22.06 7.77 -0.95
CA GLN B 145 22.23 7.21 -2.29
C GLN B 145 22.44 5.71 -2.15
N GLU B 146 21.33 4.96 -2.26
CA GLU B 146 21.24 3.50 -2.19
C GLU B 146 22.37 2.83 -1.42
N ASN B 147 22.67 3.33 -0.22
CA ASN B 147 23.62 2.66 0.66
C ASN B 147 22.93 1.65 1.55
N HIS B 148 21.83 2.05 2.18
CA HIS B 148 21.07 1.20 3.09
C HIS B 148 19.60 1.52 2.93
N ASN B 149 18.82 0.53 2.51
CA ASN B 149 17.39 0.72 2.24
C ASN B 149 16.66 0.97 3.56
N ILE B 150 16.40 2.24 3.87
CA ILE B 150 15.69 2.58 5.10
C ILE B 150 14.27 2.04 5.07
N ASN B 151 13.67 1.95 3.87
CA ASN B 151 12.26 1.64 3.75
C ASN B 151 11.89 0.26 4.29
N ASP B 152 12.87 -0.66 4.43
CA ASP B 152 12.55 -2.00 4.88
C ASP B 152 12.10 -2.06 6.34
N ILE B 153 12.13 -0.94 7.06
CA ILE B 153 11.54 -0.92 8.40
C ILE B 153 10.05 -1.22 8.31
N PHE B 154 9.41 -0.82 7.20
CA PHE B 154 8.02 -1.18 6.98
C PHE B 154 7.86 -2.70 6.92
N GLU B 155 8.85 -3.40 6.35
CA GLU B 155 8.76 -4.84 6.25
C GLU B 155 8.89 -5.50 7.62
N LEU B 156 9.79 -5.00 8.45
CA LEU B 156 9.91 -5.53 9.81
C LEU B 156 8.68 -5.18 10.63
N LEU B 157 8.12 -3.99 10.41
CA LEU B 157 6.84 -3.64 11.03
C LEU B 157 5.69 -4.45 10.47
N GLN B 158 5.75 -4.77 9.17
CA GLN B 158 4.70 -5.58 8.56
C GLN B 158 4.60 -6.93 9.24
N ARG B 159 5.74 -7.57 9.51
CA ARG B 159 5.73 -8.83 10.24
C ARG B 159 5.17 -8.65 11.64
N GLN B 160 5.27 -7.44 12.19
CA GLN B 160 4.70 -7.12 13.49
C GLN B 160 3.35 -6.43 13.37
N GLY B 161 2.50 -6.93 12.46
CA GLY B 161 1.12 -6.50 12.40
C GLY B 161 0.82 -5.30 11.54
N LEU B 162 1.82 -4.60 11.03
CA LEU B 162 1.57 -3.41 10.23
C LEU B 162 0.80 -3.76 8.96
N ARG B 163 -0.52 -3.57 8.99
CA ARG B 163 -1.35 -3.89 7.85
C ARG B 163 -1.63 -2.70 6.96
N ALA B 164 -1.39 -1.47 7.45
CA ALA B 164 -1.74 -0.29 6.66
C ALA B 164 -0.95 0.91 7.16
N ILE B 165 -0.62 1.79 6.22
CA ILE B 165 -0.18 3.13 6.53
C ILE B 165 -1.40 4.04 6.50
N ILE B 166 -1.32 5.16 7.21
CA ILE B 166 -2.37 6.18 7.14
C ILE B 166 -1.70 7.54 7.04
N ALA B 167 -1.96 8.25 5.94
CA ALA B 167 -1.31 9.51 5.65
C ALA B 167 -2.22 10.64 6.09
N ALA B 168 -1.80 11.38 7.13
CA ALA B 168 -2.55 12.55 7.54
C ALA B 168 -2.41 13.65 6.50
N THR B 169 -3.27 14.65 6.61
CA THR B 169 -3.28 15.74 5.64
C THR B 169 -2.06 16.63 5.84
N GLY B 170 -1.59 17.23 4.74
CA GLY B 170 -0.47 18.14 4.78
C GLY B 170 0.85 17.55 4.31
N LEU B 171 0.88 16.26 3.99
CA LEU B 171 2.11 15.65 3.49
C LEU B 171 2.36 16.08 2.05
N SER B 172 3.60 16.43 1.76
CA SER B 172 3.97 16.87 0.43
C SER B 172 3.81 15.73 -0.57
N GLU B 173 3.82 16.08 -1.85
CA GLU B 173 3.64 15.07 -2.90
C GLU B 173 4.76 14.04 -2.89
N ARG B 174 5.92 14.38 -2.32
CA ARG B 174 6.97 13.37 -2.15
C ARG B 174 6.64 12.42 -1.01
N GLU B 175 6.34 12.98 0.18
CA GLU B 175 5.98 12.13 1.31
C GLU B 175 4.73 11.32 1.03
N LEU B 176 3.79 11.88 0.26
CA LEU B 176 2.63 11.10 -0.18
C LEU B 176 3.07 9.96 -1.09
N SER B 177 3.94 10.26 -2.07
CA SER B 177 4.43 9.22 -2.96
C SER B 177 5.31 8.23 -2.21
N TRP B 178 6.19 8.72 -1.34
CA TRP B 178 7.06 7.83 -0.57
C TRP B 178 6.25 6.87 0.28
N ALA B 179 5.22 7.37 0.96
CA ALA B 179 4.37 6.50 1.77
C ALA B 179 3.52 5.59 0.89
N GLN B 180 3.06 6.09 -0.26
CA GLN B 180 2.32 5.25 -1.18
C GLN B 180 3.24 4.24 -1.87
N ARG B 181 4.48 4.66 -2.16
CA ARG B 181 5.47 3.72 -2.66
C ARG B 181 5.78 2.65 -1.63
N ALA B 182 5.93 3.06 -0.36
CA ALA B 182 6.14 2.09 0.71
C ALA B 182 4.93 1.18 0.87
N ALA B 183 3.73 1.67 0.55
CA ALA B 183 2.54 0.83 0.58
C ALA B 183 2.61 -0.23 -0.51
N GLN B 184 3.13 0.13 -1.68
CA GLN B 184 3.27 -0.84 -2.77
C GLN B 184 4.32 -1.90 -2.44
N GLN B 185 5.54 -1.45 -2.17
CA GLN B 185 6.69 -2.34 -2.06
C GLN B 185 6.65 -3.26 -0.85
N TYR B 186 5.71 -3.06 0.07
CA TYR B 186 5.67 -3.86 1.29
C TYR B 186 4.28 -4.43 1.56
N GLY B 187 3.41 -4.45 0.54
CA GLY B 187 2.08 -5.01 0.72
C GLY B 187 1.28 -4.31 1.80
N LEU B 188 1.54 -3.03 2.01
CA LEU B 188 0.82 -2.25 3.00
C LEU B 188 -0.28 -1.43 2.34
N ASP B 189 -1.36 -1.23 3.07
CA ASP B 189 -2.37 -0.28 2.64
C ASP B 189 -1.95 1.12 3.08
N ILE B 190 -2.44 2.12 2.36
CA ILE B 190 -2.29 3.50 2.79
C ILE B 190 -3.63 4.20 2.64
N ILE B 191 -3.99 5.01 3.63
CA ILE B 191 -5.26 5.73 3.67
C ILE B 191 -4.96 7.21 3.68
N PHE B 192 -5.66 7.96 2.84
CA PHE B 192 -5.40 9.37 2.64
C PHE B 192 -6.32 10.19 3.55
N ALA B 193 -6.52 11.46 3.20
CA ALA B 193 -7.38 12.34 4.00
C ALA B 193 -7.83 13.55 3.17
N PHE B 197 -1.47 13.94 -5.21
CA PHE B 197 -2.76 13.43 -5.63
C PHE B 197 -3.41 12.59 -4.53
N ASP B 198 -4.66 12.92 -4.20
CA ASP B 198 -5.35 12.21 -3.12
C ASP B 198 -6.86 12.21 -3.28
N GLU B 199 -7.38 12.45 -4.49
CA GLU B 199 -8.83 12.55 -4.67
C GLU B 199 -9.36 11.83 -5.92
N GLN B 200 -8.51 11.44 -6.86
CA GLN B 200 -8.96 10.64 -7.99
C GLN B 200 -8.60 9.17 -7.79
N ASP B 201 -8.11 8.52 -8.85
CA ASP B 201 -7.72 7.12 -8.75
C ASP B 201 -6.44 6.92 -7.96
N ASN B 202 -5.62 7.97 -7.81
CA ASN B 202 -4.36 7.85 -7.09
C ASN B 202 -4.55 7.62 -5.59
N ARG B 203 -5.78 7.74 -5.08
CA ARG B 203 -6.04 7.39 -3.69
C ARG B 203 -5.87 5.90 -3.42
N PHE B 204 -5.90 5.08 -4.47
CA PHE B 204 -5.68 3.65 -4.39
C PHE B 204 -4.68 3.19 -5.44
N LYS B 205 -3.65 4.02 -5.67
CA LYS B 205 -2.62 3.66 -6.66
C LYS B 205 -1.82 2.44 -6.22
N HIS B 206 -1.63 2.28 -4.91
CA HIS B 206 -0.89 1.13 -4.39
C HIS B 206 -1.64 -0.17 -4.57
N PHE B 207 -2.95 -0.09 -4.80
CA PHE B 207 -3.77 -1.27 -5.10
C PHE B 207 -4.02 -1.43 -6.60
N LEU B 208 -4.23 -0.34 -7.32
CA LEU B 208 -4.35 -0.42 -8.77
C LEU B 208 -3.06 -0.94 -9.39
N GLU B 209 -1.91 -0.45 -8.89
CA GLU B 209 -0.58 -0.89 -9.32
C GLU B 209 0.09 -1.52 -8.11
N PRO B 210 -0.23 -2.78 -7.79
CA PRO B 210 0.41 -3.41 -6.62
C PRO B 210 1.91 -3.58 -6.79
N ILE B 211 2.38 -3.75 -8.02
CA ILE B 211 3.80 -3.80 -8.32
C ILE B 211 4.21 -2.46 -8.92
N ARG B 212 5.31 -1.90 -8.43
CA ARG B 212 5.74 -0.58 -8.85
C ARG B 212 6.28 -0.65 -10.28
N ARG B 213 6.91 0.43 -10.73
CA ARG B 213 7.30 0.54 -12.13
C ARG B 213 8.70 1.12 -12.30
N GLN B 214 8.92 1.79 -13.42
CA GLN B 214 10.22 2.37 -13.77
C GLN B 214 10.46 3.69 -13.04
#